data_4I1V
#
_entry.id   4I1V
#
_cell.length_a   115.860
_cell.length_b   115.860
_cell.length_c   91.640
_cell.angle_alpha   90.000
_cell.angle_beta   90.000
_cell.angle_gamma   120.000
#
_symmetry.space_group_name_H-M   'P 32 2 1'
#
loop_
_entity.id
_entity.type
_entity.pdbx_description
1 polymer 'Dephospho-CoA kinase'
2 non-polymer "ADENOSINE-5'-DIPHOSPHATE"
3 water water
#
_entity_poly.entity_id   1
_entity_poly.type   'polypeptide(L)'
_entity_poly.pdbx_seq_one_letter_code
;MAHHHHHHMYAIGLTGGIGSGKTTVADLFAARGASLVDTDLIAHRITAPAGLAMPAIEQTFGPAFVAADGSLDRARMRAL
IFSDEDARRRLEAITHPLIRAETEREARDAQGPYVIFVVPLLVESRNWKARCDRVLVVDCPVDTQIARVMQRNGFTREQV
EAIIARQATREARLAAADDVIVNDAATPDALAVQVDALHQRYLAFAAAKH
;
_entity_poly.pdbx_strand_id   A,B
#
loop_
_chem_comp.id
_chem_comp.type
_chem_comp.name
_chem_comp.formula
ADP non-polymer ADENOSINE-5'-DIPHOSPHATE 'C10 H15 N5 O10 P2'
#
# COMPACT_ATOMS: atom_id res chain seq x y z
N HIS A 4 -4.68 -4.90 -19.86
CA HIS A 4 -4.16 -5.72 -18.72
C HIS A 4 -2.62 -5.86 -18.69
N HIS A 5 -1.91 -5.25 -19.65
CA HIS A 5 -0.46 -5.45 -19.75
C HIS A 5 0.33 -4.40 -20.56
N HIS A 6 1.66 -4.55 -20.49
CA HIS A 6 2.62 -3.68 -21.18
C HIS A 6 3.96 -3.75 -20.44
N HIS A 7 4.99 -4.30 -21.07
CA HIS A 7 6.31 -4.44 -20.42
C HIS A 7 7.09 -3.11 -20.42
N HIS A 8 7.84 -2.91 -19.34
CA HIS A 8 8.55 -1.65 -19.09
C HIS A 8 7.67 -0.38 -19.33
N MET A 9 6.55 -0.24 -18.61
CA MET A 9 5.75 1.02 -18.64
C MET A 9 6.65 2.18 -18.17
N TYR A 10 6.66 3.28 -18.93
CA TYR A 10 7.41 4.47 -18.55
C TYR A 10 6.55 5.36 -17.67
N ALA A 11 7.10 5.80 -16.54
CA ALA A 11 6.34 6.60 -15.57
C ALA A 11 6.98 7.92 -15.20
N ILE A 12 6.17 8.97 -15.26
CA ILE A 12 6.61 10.28 -14.87
C ILE A 12 5.86 10.69 -13.61
N GLY A 13 6.58 11.16 -12.61
CA GLY A 13 5.94 11.77 -11.47
C GLY A 13 5.79 13.26 -11.67
N LEU A 14 4.57 13.74 -11.68
CA LEU A 14 4.28 15.16 -11.79
C LEU A 14 3.95 15.71 -10.43
N THR A 15 4.75 16.64 -9.93
CA THR A 15 4.50 17.20 -8.63
C THR A 15 4.62 18.74 -8.67
N GLY A 16 4.48 19.34 -7.49
CA GLY A 16 4.42 20.78 -7.37
C GLY A 16 3.59 21.17 -6.16
N GLY A 17 3.89 22.31 -5.56
CA GLY A 17 3.18 22.81 -4.39
C GLY A 17 1.75 23.17 -4.71
N ILE A 18 1.01 23.56 -3.67
CA ILE A 18 -0.39 23.90 -3.84
C ILE A 18 -0.50 25.13 -4.71
N GLY A 19 -1.37 25.04 -5.71
CA GLY A 19 -1.66 26.16 -6.61
C GLY A 19 -0.62 26.39 -7.69
N SER A 20 0.35 25.48 -7.83
CA SER A 20 1.46 25.69 -8.75
C SER A 20 1.09 25.40 -10.17
N GLY A 21 0.15 24.49 -10.40
CA GLY A 21 -0.32 24.19 -11.74
C GLY A 21 -0.29 22.74 -12.17
N LYS A 22 -0.20 21.82 -11.23
CA LYS A 22 -0.18 20.40 -11.55
C LYS A 22 -1.37 20.03 -12.46
N THR A 23 -2.58 20.36 -12.03
CA THR A 23 -3.73 20.02 -12.82
C THR A 23 -3.63 20.61 -14.23
N THR A 24 -3.25 21.88 -14.29
CA THR A 24 -3.17 22.56 -15.56
C THR A 24 -2.18 21.89 -16.51
N VAL A 25 -1.02 21.54 -15.99
CA VAL A 25 -0.01 20.92 -16.81
C VAL A 25 -0.41 19.49 -17.16
N ALA A 26 -0.93 18.76 -16.18
CA ALA A 26 -1.37 17.39 -16.38
C ALA A 26 -2.34 17.29 -17.54
N ASP A 27 -3.33 18.20 -17.58
CA ASP A 27 -4.32 18.16 -18.62
C ASP A 27 -3.72 18.30 -20.00
N LEU A 28 -2.67 19.10 -20.10
CA LEU A 28 -2.02 19.36 -21.38
C LEU A 28 -1.40 18.06 -21.86
N PHE A 29 -0.72 17.37 -20.94
CA PHE A 29 -0.11 16.08 -21.28
C PHE A 29 -1.18 15.06 -21.68
N ALA A 30 -2.31 15.08 -21.01
CA ALA A 30 -3.40 14.15 -21.31
C ALA A 30 -3.94 14.42 -22.74
N ALA A 31 -4.07 15.68 -23.11
CA ALA A 31 -4.53 16.06 -24.42
C ALA A 31 -3.62 15.54 -25.52
N ARG A 32 -2.36 15.23 -25.17
CA ARG A 32 -1.40 14.72 -26.11
C ARG A 32 -1.26 13.21 -26.03
N GLY A 33 -2.08 12.56 -25.19
CA GLY A 33 -2.14 11.11 -25.12
C GLY A 33 -1.41 10.47 -23.98
N ALA A 34 -0.77 11.25 -23.13
CA ALA A 34 -0.22 10.68 -21.89
C ALA A 34 -1.37 10.11 -21.07
N SER A 35 -1.11 9.03 -20.35
CA SER A 35 -2.14 8.46 -19.44
C SER A 35 -1.97 9.05 -18.07
N LEU A 36 -3.01 9.69 -17.59
CA LEU A 36 -2.95 10.34 -16.29
C LEU A 36 -3.43 9.42 -15.17
N VAL A 37 -2.66 9.36 -14.08
CA VAL A 37 -3.13 8.77 -12.83
C VAL A 37 -2.99 9.80 -11.72
N ASP A 38 -4.12 10.42 -11.38
CA ASP A 38 -4.18 11.46 -10.36
C ASP A 38 -4.43 10.82 -8.96
N THR A 39 -3.42 10.87 -8.11
CA THR A 39 -3.52 10.23 -6.82
C THR A 39 -4.50 10.91 -5.91
N ASP A 40 -4.80 12.18 -6.17
CA ASP A 40 -5.88 12.83 -5.46
C ASP A 40 -7.26 12.31 -5.88
N LEU A 41 -7.50 12.06 -7.14
CA LEU A 41 -8.80 11.47 -7.51
C LEU A 41 -8.98 10.12 -6.80
N ILE A 42 -7.91 9.37 -6.71
CA ILE A 42 -7.99 8.10 -6.02
C ILE A 42 -8.28 8.27 -4.53
N ALA A 43 -7.59 9.21 -3.90
CA ALA A 43 -7.82 9.49 -2.49
C ALA A 43 -9.29 9.85 -2.27
N HIS A 44 -9.93 10.50 -3.24
CA HIS A 44 -11.36 10.87 -3.14
C HIS A 44 -12.24 9.65 -3.33
N ARG A 45 -11.89 8.83 -4.29
CA ARG A 45 -12.70 7.68 -4.62
C ARG A 45 -12.71 6.66 -3.47
N ILE A 46 -11.56 6.35 -2.90
CA ILE A 46 -11.52 5.38 -1.81
C ILE A 46 -12.17 5.89 -0.50
N THR A 47 -12.46 7.19 -0.44
CA THR A 47 -13.20 7.76 0.69
C THR A 47 -14.53 8.35 0.25
N ALA A 48 -15.05 7.90 -0.88
CA ALA A 48 -16.38 8.30 -1.32
C ALA A 48 -17.36 7.25 -0.78
N PRO A 49 -18.67 7.45 -1.03
CA PRO A 49 -19.62 6.40 -0.66
C PRO A 49 -19.23 5.06 -1.29
N ALA A 50 -19.22 4.01 -0.47
CA ALA A 50 -18.81 2.66 -0.89
C ALA A 50 -17.29 2.52 -1.12
N GLY A 51 -16.52 3.54 -0.74
CA GLY A 51 -15.08 3.54 -0.97
C GLY A 51 -14.35 2.46 -0.20
N LEU A 52 -13.30 1.90 -0.81
CA LEU A 52 -12.47 0.83 -0.23
C LEU A 52 -11.87 1.18 1.14
N ALA A 53 -11.79 2.47 1.48
CA ALA A 53 -11.16 2.88 2.74
C ALA A 53 -12.15 3.11 3.89
N MET A 54 -13.45 3.17 3.58
CA MET A 54 -14.44 3.59 4.58
C MET A 54 -14.67 2.61 5.74
N PRO A 55 -14.73 1.30 5.46
CA PRO A 55 -14.84 0.38 6.60
C PRO A 55 -13.75 0.65 7.63
N ALA A 56 -12.50 0.67 7.19
CA ALA A 56 -11.39 0.90 8.09
C ALA A 56 -11.55 2.23 8.82
N ILE A 57 -12.09 3.25 8.15
CA ILE A 57 -12.17 4.59 8.74
C ILE A 57 -13.28 4.67 9.78
N GLU A 58 -14.43 4.09 9.48
CA GLU A 58 -15.50 4.01 10.48
C GLU A 58 -15.01 3.21 11.71
N GLN A 59 -14.46 2.03 11.47
CA GLN A 59 -13.89 1.21 12.54
C GLN A 59 -12.89 2.01 13.38
N THR A 60 -11.90 2.64 12.75
CA THR A 60 -10.82 3.30 13.47
C THR A 60 -11.24 4.63 14.10
N PHE A 61 -12.21 5.33 13.50
CA PHE A 61 -12.57 6.70 13.93
C PHE A 61 -13.98 6.86 14.46
N GLY A 62 -14.88 5.96 14.05
CA GLY A 62 -16.29 6.00 14.46
C GLY A 62 -17.23 6.64 13.44
N PRO A 63 -18.54 6.30 13.48
CA PRO A 63 -19.60 6.90 12.63
C PRO A 63 -19.74 8.43 12.70
N ALA A 64 -19.15 9.05 13.71
CA ALA A 64 -19.00 10.51 13.76
C ALA A 64 -18.45 11.09 12.45
N PHE A 65 -17.48 10.41 11.84
CA PHE A 65 -16.75 10.89 10.65
C PHE A 65 -17.24 10.29 9.32
N VAL A 66 -18.35 9.57 9.38
CA VAL A 66 -18.99 9.04 8.20
C VAL A 66 -20.24 9.90 8.04
N ALA A 67 -20.35 10.57 6.90
CA ALA A 67 -21.51 11.40 6.60
C ALA A 67 -22.69 10.49 6.27
N ALA A 68 -23.87 11.10 6.11
CA ALA A 68 -25.12 10.35 5.91
C ALA A 68 -25.23 9.62 4.56
N ASP A 69 -24.38 9.97 3.60
CA ASP A 69 -24.38 9.27 2.30
C ASP A 69 -23.38 8.10 2.26
N GLY A 70 -22.67 7.86 3.36
CA GLY A 70 -21.66 6.78 3.45
C GLY A 70 -20.20 7.22 3.26
N SER A 71 -20.00 8.39 2.65
CA SER A 71 -18.66 8.92 2.43
C SER A 71 -18.01 9.45 3.70
N LEU A 72 -16.74 9.83 3.56
CA LEU A 72 -16.04 10.55 4.62
C LEU A 72 -16.62 11.97 4.80
N ASP A 73 -16.89 12.34 6.05
CA ASP A 73 -17.14 13.74 6.39
C ASP A 73 -15.78 14.45 6.31
N ARG A 74 -15.46 14.91 5.11
CA ARG A 74 -14.13 15.48 4.81
C ARG A 74 -13.81 16.70 5.67
N ALA A 75 -14.86 17.44 6.06
CA ALA A 75 -14.75 18.62 6.90
C ALA A 75 -14.24 18.24 8.29
N ARG A 76 -15.08 17.51 9.03
CA ARG A 76 -14.76 17.09 10.41
C ARG A 76 -13.34 16.49 10.49
N MET A 77 -13.02 15.65 9.51
CA MET A 77 -11.71 15.01 9.43
C MET A 77 -10.63 16.04 9.13
N ARG A 78 -10.88 16.88 8.11
CA ARG A 78 -9.94 17.94 7.74
C ARG A 78 -9.40 18.64 8.99
N ALA A 79 -10.31 18.94 9.90
CA ALA A 79 -9.98 19.56 11.18
C ALA A 79 -9.16 18.62 12.07
N LEU A 80 -9.73 17.46 12.37
CA LEU A 80 -9.16 16.55 13.38
C LEU A 80 -7.71 16.13 13.11
N ILE A 81 -7.34 15.93 11.83
CA ILE A 81 -5.96 15.54 11.48
C ILE A 81 -4.97 16.72 11.54
N PHE A 82 -5.50 17.93 11.40
CA PHE A 82 -4.74 19.15 11.69
C PHE A 82 -4.59 19.30 13.22
N SER A 83 -5.72 19.20 13.93
CA SER A 83 -5.77 19.27 15.39
C SER A 83 -4.91 18.20 16.10
N ASP A 84 -4.89 16.98 15.57
CA ASP A 84 -4.27 15.83 16.26
C ASP A 84 -3.36 15.02 15.30
N GLU A 85 -2.05 15.31 15.30
CA GLU A 85 -1.12 14.63 14.40
C GLU A 85 -0.78 13.18 14.81
N ASP A 86 -1.46 12.66 15.85
CA ASP A 86 -1.54 11.21 16.09
C ASP A 86 -2.66 10.62 15.22
N ALA A 87 -3.67 11.45 14.96
CA ALA A 87 -4.78 11.06 14.09
C ALA A 87 -4.38 11.12 12.62
N ARG A 88 -3.59 12.14 12.23
CA ARG A 88 -3.04 12.23 10.88
C ARG A 88 -2.45 10.90 10.52
N ARG A 89 -1.46 10.48 11.30
CA ARG A 89 -0.75 9.23 11.05
C ARG A 89 -1.68 8.01 11.04
N ARG A 90 -2.72 8.03 11.86
CA ARG A 90 -3.67 6.91 11.89
C ARG A 90 -4.51 6.84 10.61
N LEU A 91 -4.97 7.98 10.10
CA LEU A 91 -5.73 8.01 8.84
C LEU A 91 -4.84 7.68 7.64
N GLU A 92 -3.65 8.29 7.60
CA GLU A 92 -2.78 8.16 6.44
C GLU A 92 -2.29 6.74 6.30
N ALA A 93 -2.15 6.07 7.43
CA ALA A 93 -1.80 4.67 7.46
C ALA A 93 -2.90 3.77 6.86
N ILE A 94 -4.14 4.24 6.87
CA ILE A 94 -5.20 3.53 6.15
C ILE A 94 -5.18 3.92 4.66
N THR A 95 -5.10 5.21 4.37
CA THR A 95 -5.33 5.70 3.00
C THR A 95 -4.13 5.52 2.06
N HIS A 96 -2.93 5.77 2.55
CA HIS A 96 -1.75 5.80 1.66
C HIS A 96 -1.47 4.48 1.00
N PRO A 97 -1.45 3.40 1.77
CA PRO A 97 -1.32 2.11 1.12
C PRO A 97 -2.41 1.86 0.06
N LEU A 98 -3.66 2.19 0.35
CA LEU A 98 -4.72 1.97 -0.63
C LEU A 98 -4.55 2.85 -1.91
N ILE A 99 -4.06 4.08 -1.72
CA ILE A 99 -3.77 4.96 -2.82
C ILE A 99 -2.64 4.39 -3.68
N ARG A 100 -1.54 4.04 -3.01
CA ARG A 100 -0.40 3.35 -3.67
C ARG A 100 -0.94 2.16 -4.48
N ALA A 101 -1.84 1.38 -3.89
CA ALA A 101 -2.30 0.19 -4.60
C ALA A 101 -3.14 0.53 -5.81
N GLU A 102 -4.13 1.39 -5.65
CA GLU A 102 -4.96 1.79 -6.79
C GLU A 102 -4.14 2.44 -7.94
N THR A 103 -3.04 3.08 -7.57
CA THR A 103 -2.18 3.69 -8.54
C THR A 103 -1.60 2.63 -9.46
N GLU A 104 -1.05 1.59 -8.86
CA GLU A 104 -0.50 0.49 -9.65
C GLU A 104 -1.53 -0.17 -10.57
N ARG A 105 -2.74 -0.27 -10.06
CA ARG A 105 -3.81 -0.91 -10.78
C ARG A 105 -4.28 -0.05 -11.97
N GLU A 106 -4.30 1.28 -11.79
CA GLU A 106 -4.72 2.18 -12.87
C GLU A 106 -3.59 2.28 -13.89
N ALA A 107 -2.35 2.19 -13.41
CA ALA A 107 -1.20 2.25 -14.27
C ALA A 107 -1.10 0.99 -15.14
N ARG A 108 -1.38 -0.18 -14.56
CA ARG A 108 -1.38 -1.40 -15.32
C ARG A 108 -2.37 -1.34 -16.50
N ASP A 109 -3.56 -0.78 -16.28
CA ASP A 109 -4.59 -0.72 -17.33
C ASP A 109 -4.45 0.47 -18.29
N ALA A 110 -3.51 1.39 -18.03
CA ALA A 110 -3.41 2.59 -18.84
C ALA A 110 -2.98 2.32 -20.29
N GLN A 111 -3.62 3.00 -21.22
CA GLN A 111 -3.52 2.68 -22.64
C GLN A 111 -2.48 3.50 -23.40
N GLY A 112 -2.00 4.58 -22.79
CA GLY A 112 -1.10 5.53 -23.45
C GLY A 112 0.33 5.03 -23.48
N PRO A 113 1.19 5.76 -24.19
CA PRO A 113 2.60 5.36 -24.31
C PRO A 113 3.41 5.51 -23.04
N TYR A 114 2.97 6.37 -22.12
CA TYR A 114 3.62 6.46 -20.83
C TYR A 114 2.57 6.95 -19.87
N VAL A 115 2.93 6.93 -18.60
CA VAL A 115 1.96 7.25 -17.58
C VAL A 115 2.53 8.40 -16.78
N ILE A 116 1.64 9.30 -16.38
CA ILE A 116 2.02 10.37 -15.46
C ILE A 116 1.24 10.21 -14.15
N PHE A 117 1.98 10.12 -13.05
CA PHE A 117 1.38 10.04 -11.75
C PHE A 117 1.37 11.43 -11.20
N VAL A 118 0.20 11.98 -10.91
CA VAL A 118 0.15 13.29 -10.26
C VAL A 118 0.15 13.08 -8.76
N VAL A 119 1.21 13.54 -8.11
CA VAL A 119 1.44 13.25 -6.71
C VAL A 119 1.87 14.53 -6.02
N PRO A 120 0.94 15.15 -5.29
CA PRO A 120 1.29 16.40 -4.61
C PRO A 120 2.52 16.31 -3.71
N LEU A 121 2.62 15.26 -2.92
CA LEU A 121 3.68 15.24 -1.93
C LEU A 121 4.78 14.29 -2.39
N LEU A 122 5.13 14.40 -3.66
CA LEU A 122 6.05 13.45 -4.28
C LEU A 122 7.41 13.47 -3.61
N VAL A 123 8.10 14.61 -3.58
CA VAL A 123 9.49 14.59 -3.15
C VAL A 123 9.59 14.50 -1.63
N GLU A 124 8.50 14.86 -0.95
CA GLU A 124 8.37 14.66 0.49
C GLU A 124 8.39 13.17 0.88
N SER A 125 8.42 12.23 -0.10
CA SER A 125 8.33 10.77 0.11
C SER A 125 9.41 10.01 -0.62
N ARG A 126 10.09 9.11 0.07
CA ARG A 126 11.21 8.34 -0.53
C ARG A 126 10.71 7.37 -1.61
N ASN A 127 9.56 6.76 -1.34
CA ASN A 127 9.01 5.72 -2.23
C ASN A 127 8.64 6.19 -3.62
N TRP A 128 7.95 7.34 -3.71
CA TRP A 128 7.56 7.90 -5.02
C TRP A 128 8.75 8.26 -5.94
N LYS A 129 9.81 8.86 -5.40
CA LYS A 129 10.95 9.18 -6.28
C LYS A 129 11.47 7.93 -6.99
N ALA A 130 11.64 6.86 -6.23
CA ALA A 130 12.15 5.59 -6.76
C ALA A 130 11.18 4.91 -7.73
N ARG A 131 9.89 5.16 -7.55
CA ARG A 131 8.86 4.53 -8.38
C ARG A 131 8.79 5.12 -9.79
N CYS A 132 9.28 6.35 -9.96
CA CYS A 132 9.14 7.05 -11.21
C CYS A 132 10.44 7.01 -11.98
N ASP A 133 10.34 6.92 -13.31
CA ASP A 133 11.49 7.07 -14.17
C ASP A 133 12.02 8.48 -14.09
N ARG A 134 11.13 9.46 -14.05
CA ARG A 134 11.50 10.88 -14.00
C ARG A 134 10.54 11.66 -13.09
N VAL A 135 11.05 12.73 -12.51
CA VAL A 135 10.23 13.68 -11.83
C VAL A 135 10.15 15.02 -12.57
N LEU A 136 8.91 15.44 -12.81
CA LEU A 136 8.58 16.74 -13.38
C LEU A 136 8.00 17.64 -12.30
N VAL A 137 8.68 18.72 -12.00
CA VAL A 137 8.16 19.68 -11.05
C VAL A 137 7.54 20.87 -11.75
N VAL A 138 6.30 21.19 -11.42
CA VAL A 138 5.69 22.42 -11.88
C VAL A 138 5.94 23.48 -10.82
N ASP A 139 6.76 24.46 -11.17
CA ASP A 139 7.30 25.39 -10.18
C ASP A 139 6.64 26.75 -10.36
N CYS A 140 6.54 27.49 -9.25
CA CYS A 140 6.19 28.88 -9.32
C CYS A 140 6.42 29.56 -7.98
N PRO A 141 6.44 30.89 -7.98
CA PRO A 141 6.72 31.60 -6.72
C PRO A 141 5.60 31.44 -5.73
N VAL A 142 5.99 31.41 -4.47
CA VAL A 142 5.09 31.23 -3.34
C VAL A 142 3.94 32.23 -3.37
N ASP A 143 4.20 33.47 -3.71
CA ASP A 143 3.18 34.50 -3.74
C ASP A 143 2.18 34.21 -4.83
N THR A 144 2.64 33.62 -5.93
CA THR A 144 1.71 33.21 -6.96
C THR A 144 0.87 32.02 -6.49
N GLN A 145 1.46 31.10 -5.73
CA GLN A 145 0.66 30.02 -5.16
C GLN A 145 -0.44 30.61 -4.32
N ILE A 146 -0.05 31.58 -3.50
CA ILE A 146 -0.96 32.19 -2.55
C ILE A 146 -2.11 32.91 -3.27
N ALA A 147 -1.80 33.78 -4.20
CA ALA A 147 -2.83 34.50 -4.96
C ALA A 147 -3.79 33.53 -5.65
N ARG A 148 -3.26 32.48 -6.26
CA ARG A 148 -4.09 31.56 -7.00
C ARG A 148 -5.00 30.81 -6.10
N VAL A 149 -4.50 30.39 -4.95
CA VAL A 149 -5.29 29.54 -4.04
C VAL A 149 -6.29 30.41 -3.27
N MET A 150 -5.96 31.67 -3.03
CA MET A 150 -6.94 32.60 -2.47
C MET A 150 -8.10 32.80 -3.45
N GLN A 151 -7.78 33.09 -4.71
CA GLN A 151 -8.75 33.24 -5.78
C GLN A 151 -9.61 32.01 -5.97
N ARG A 152 -8.98 30.86 -6.12
CA ARG A 152 -9.71 29.68 -6.59
C ARG A 152 -10.34 28.87 -5.46
N ASN A 153 -9.95 29.04 -4.20
CA ASN A 153 -10.66 28.41 -3.08
C ASN A 153 -11.19 29.34 -1.99
N GLY A 154 -10.87 30.63 -2.07
CA GLY A 154 -11.43 31.65 -1.15
C GLY A 154 -10.68 31.86 0.16
N PHE A 155 -9.62 31.07 0.37
CA PHE A 155 -8.84 31.11 1.61
C PHE A 155 -8.21 32.46 1.81
N THR A 156 -7.67 32.68 3.01
CA THR A 156 -6.84 33.84 3.31
C THR A 156 -5.38 33.44 3.15
N ARG A 157 -4.52 34.44 3.03
CA ARG A 157 -3.09 34.26 3.06
C ARG A 157 -2.71 33.23 4.13
N GLU A 158 -3.14 33.47 5.37
CA GLU A 158 -2.76 32.63 6.50
C GLU A 158 -3.09 31.17 6.24
N GLN A 159 -4.27 30.92 5.71
CA GLN A 159 -4.66 29.55 5.46
C GLN A 159 -3.77 28.85 4.41
N VAL A 160 -3.40 29.59 3.36
CA VAL A 160 -2.59 29.02 2.30
C VAL A 160 -1.17 28.86 2.85
N GLU A 161 -0.67 29.91 3.49
CA GLU A 161 0.66 29.89 4.12
C GLU A 161 0.85 28.70 5.05
N ALA A 162 -0.26 28.22 5.61
CA ALA A 162 -0.24 27.11 6.53
C ALA A 162 -0.07 25.80 5.83
N ILE A 163 -0.67 25.68 4.65
CA ILE A 163 -0.47 24.47 3.82
C ILE A 163 0.93 24.50 3.22
N ILE A 164 1.30 25.65 2.67
CA ILE A 164 2.62 25.81 2.09
C ILE A 164 3.73 25.40 3.08
N ALA A 165 3.53 25.70 4.35
CA ALA A 165 4.52 25.38 5.39
C ALA A 165 4.63 23.86 5.64
N ARG A 166 3.57 23.11 5.35
CA ARG A 166 3.59 21.65 5.50
C ARG A 166 4.20 20.94 4.27
N GLN A 167 4.47 21.69 3.20
CA GLN A 167 5.00 21.11 1.96
C GLN A 167 6.44 21.47 1.81
N ALA A 168 7.14 20.75 0.94
CA ALA A 168 8.54 21.04 0.64
C ALA A 168 8.74 22.44 0.09
N THR A 169 9.91 23.01 0.31
CA THR A 169 10.24 24.32 -0.22
C THR A 169 10.45 24.23 -1.73
N ARG A 170 10.42 25.36 -2.41
CA ARG A 170 10.70 25.37 -3.86
C ARG A 170 12.03 24.78 -4.11
N GLU A 171 13.00 25.21 -3.29
CA GLU A 171 14.37 24.83 -3.50
C GLU A 171 14.49 23.32 -3.44
N ALA A 172 13.82 22.71 -2.47
CA ALA A 172 13.92 21.27 -2.31
C ALA A 172 13.30 20.57 -3.50
N ARG A 173 12.13 21.05 -3.92
CA ARG A 173 11.46 20.50 -5.11
C ARG A 173 12.33 20.62 -6.37
N LEU A 174 12.90 21.80 -6.60
CA LEU A 174 13.74 22.02 -7.78
C LEU A 174 14.99 21.14 -7.73
N ALA A 175 15.52 20.92 -6.54
CA ALA A 175 16.70 20.04 -6.36
C ALA A 175 16.43 18.57 -6.72
N ALA A 176 15.20 18.13 -6.52
CA ALA A 176 14.84 16.75 -6.79
C ALA A 176 14.26 16.56 -8.21
N ALA A 177 14.21 17.61 -9.03
CA ALA A 177 13.56 17.51 -10.34
C ALA A 177 14.51 16.91 -11.39
N ASP A 178 13.93 16.19 -12.34
CA ASP A 178 14.60 15.94 -13.59
C ASP A 178 14.16 16.99 -14.63
N ASP A 179 12.87 17.32 -14.62
CA ASP A 179 12.28 18.32 -15.49
C ASP A 179 11.53 19.39 -14.72
N VAL A 180 11.52 20.60 -15.26
CA VAL A 180 10.89 21.73 -14.57
C VAL A 180 10.08 22.54 -15.54
N ILE A 181 8.87 22.86 -15.15
CA ILE A 181 8.11 23.86 -15.85
C ILE A 181 7.75 24.95 -14.86
N VAL A 182 8.31 26.12 -15.10
CA VAL A 182 7.98 27.29 -14.31
C VAL A 182 6.66 27.85 -14.83
N ASN A 183 5.63 27.80 -14.01
CA ASN A 183 4.30 28.22 -14.40
C ASN A 183 4.00 29.49 -13.66
N ASP A 184 4.54 30.61 -14.13
CA ASP A 184 4.33 31.92 -13.46
C ASP A 184 3.88 33.04 -14.41
N ALA A 185 3.44 32.74 -15.62
CA ALA A 185 2.95 33.80 -16.48
C ALA A 185 1.55 34.17 -16.02
N ALA A 186 1.09 35.35 -16.41
CA ALA A 186 -0.30 35.76 -16.18
C ALA A 186 -1.30 34.74 -16.74
N THR A 187 -0.81 33.97 -17.72
CA THR A 187 -1.61 33.10 -18.54
C THR A 187 -0.87 31.76 -18.79
N PRO A 188 -1.64 30.66 -18.93
CA PRO A 188 -1.16 29.30 -19.21
C PRO A 188 -1.00 28.94 -20.69
N ASP A 189 -1.26 29.88 -21.59
CA ASP A 189 -1.18 29.60 -23.03
C ASP A 189 0.21 29.11 -23.51
N ALA A 190 1.26 29.64 -22.88
CA ALA A 190 2.65 29.34 -23.30
C ALA A 190 3.21 28.02 -22.74
N LEU A 191 2.50 27.43 -21.78
CA LEU A 191 2.84 26.13 -21.25
C LEU A 191 2.84 25.04 -22.31
N ALA A 192 1.94 25.14 -23.27
CA ALA A 192 1.83 24.10 -24.29
C ALA A 192 3.16 23.89 -25.04
N VAL A 193 3.86 24.98 -25.33
CA VAL A 193 5.12 24.86 -26.02
C VAL A 193 6.07 23.99 -25.21
N GLN A 194 6.12 24.22 -23.89
CA GLN A 194 6.98 23.42 -23.05
C GLN A 194 6.49 21.98 -22.95
N VAL A 195 5.18 21.78 -22.91
CA VAL A 195 4.67 20.43 -22.79
C VAL A 195 4.90 19.66 -24.09
N ASP A 196 4.79 20.33 -25.24
CA ASP A 196 5.02 19.65 -26.52
C ASP A 196 6.38 19.02 -26.49
N ALA A 197 7.39 19.80 -26.11
CA ALA A 197 8.77 19.30 -26.12
C ALA A 197 9.00 18.17 -25.12
N LEU A 198 8.38 18.30 -23.94
CA LEU A 198 8.53 17.25 -22.94
C LEU A 198 7.83 16.00 -23.39
N HIS A 199 6.64 16.14 -23.94
CA HIS A 199 5.93 15.00 -24.49
C HIS A 199 6.82 14.23 -25.43
N GLN A 200 7.53 14.94 -26.32
CA GLN A 200 8.34 14.27 -27.33
C GLN A 200 9.46 13.54 -26.65
N ARG A 201 10.12 14.21 -25.71
CA ARG A 201 11.25 13.60 -25.02
C ARG A 201 10.79 12.35 -24.23
N TYR A 202 9.58 12.40 -23.71
CA TYR A 202 9.00 11.29 -22.97
C TYR A 202 8.69 10.11 -23.87
N LEU A 203 8.22 10.35 -25.09
CA LEU A 203 7.99 9.27 -26.06
C LEU A 203 9.30 8.56 -26.34
N ALA A 204 10.36 9.33 -26.48
CA ALA A 204 11.66 8.76 -26.75
C ALA A 204 12.16 7.99 -25.56
N PHE A 205 11.94 8.53 -24.37
CA PHE A 205 12.47 7.88 -23.20
C PHE A 205 11.81 6.51 -23.10
N ALA A 206 10.48 6.51 -23.22
CA ALA A 206 9.67 5.29 -23.09
C ALA A 206 10.06 4.25 -24.16
N ALA A 207 10.04 4.66 -25.43
CA ALA A 207 10.51 3.83 -26.54
C ALA A 207 11.89 3.17 -26.31
N ALA A 208 12.79 3.88 -25.64
CA ALA A 208 14.15 3.41 -25.46
C ALA A 208 14.23 2.43 -24.33
N LYS A 209 13.09 2.16 -23.71
CA LYS A 209 13.03 1.31 -22.56
C LYS A 209 12.37 -0.01 -22.97
N HIS A 210 11.91 -0.08 -24.22
CA HIS A 210 11.10 -1.20 -24.75
C HIS A 210 11.89 -2.12 -25.70
N HIS B 8 -19.41 -3.90 10.34
CA HIS B 8 -18.07 -4.57 10.49
C HIS B 8 -18.18 -6.08 10.33
N MET B 9 -17.76 -6.56 9.17
CA MET B 9 -17.47 -7.97 8.98
C MET B 9 -16.48 -8.41 10.07
N TYR B 10 -16.79 -9.47 10.82
CA TYR B 10 -15.96 -9.87 11.97
C TYR B 10 -14.67 -10.46 11.44
N ALA B 11 -13.55 -9.96 11.95
CA ALA B 11 -12.25 -10.38 11.43
C ALA B 11 -11.33 -10.94 12.51
N ILE B 12 -10.76 -12.10 12.19
CA ILE B 12 -9.77 -12.74 13.03
C ILE B 12 -8.43 -12.67 12.33
N GLY B 13 -7.41 -12.18 13.04
CA GLY B 13 -6.06 -12.30 12.53
C GLY B 13 -5.47 -13.62 13.00
N LEU B 14 -5.11 -14.49 12.07
CA LEU B 14 -4.41 -15.72 12.35
C LEU B 14 -2.94 -15.55 12.10
N THR B 15 -2.12 -15.63 13.13
CA THR B 15 -0.70 -15.47 12.96
C THR B 15 0.08 -16.60 13.64
N GLY B 16 1.40 -16.48 13.62
CA GLY B 16 2.28 -17.55 14.08
C GLY B 16 3.57 -17.54 13.31
N GLY B 17 4.65 -17.96 13.95
CA GLY B 17 5.95 -17.98 13.33
C GLY B 17 6.03 -18.97 12.15
N ILE B 18 7.13 -18.91 11.42
CA ILE B 18 7.27 -19.75 10.27
C ILE B 18 7.27 -21.23 10.71
N GLY B 19 6.47 -22.03 10.02
CA GLY B 19 6.40 -23.47 10.27
C GLY B 19 5.57 -23.86 11.47
N SER B 20 4.86 -22.89 12.07
CA SER B 20 4.09 -23.13 13.27
C SER B 20 2.77 -23.86 12.99
N GLY B 21 2.17 -23.63 11.83
CA GLY B 21 0.95 -24.32 11.46
C GLY B 21 -0.19 -23.46 10.96
N LYS B 22 0.10 -22.23 10.60
CA LYS B 22 -0.93 -21.30 10.16
C LYS B 22 -1.76 -21.95 9.07
N THR B 23 -1.11 -22.45 8.03
CA THR B 23 -1.84 -23.06 6.93
C THR B 23 -2.70 -24.23 7.43
N THR B 24 -2.11 -25.09 8.23
CA THR B 24 -2.81 -26.23 8.73
C THR B 24 -4.07 -25.82 9.51
N VAL B 25 -3.94 -24.82 10.38
CA VAL B 25 -5.08 -24.40 11.19
C VAL B 25 -6.11 -23.66 10.34
N ALA B 26 -5.61 -22.80 9.47
CA ALA B 26 -6.45 -22.02 8.58
C ALA B 26 -7.38 -22.91 7.78
N ASP B 27 -6.83 -23.99 7.24
CA ASP B 27 -7.64 -24.91 6.44
C ASP B 27 -8.80 -25.49 7.23
N LEU B 28 -8.56 -25.75 8.51
CA LEU B 28 -9.57 -26.36 9.34
C LEU B 28 -10.72 -25.37 9.49
N PHE B 29 -10.38 -24.12 9.76
CA PHE B 29 -11.41 -23.09 9.87
C PHE B 29 -12.17 -22.92 8.54
N ALA B 30 -11.47 -23.01 7.42
CA ALA B 30 -12.11 -22.89 6.10
C ALA B 30 -13.11 -24.04 5.89
N ALA B 31 -12.75 -25.25 6.29
CA ALA B 31 -13.65 -26.41 6.18
C ALA B 31 -14.95 -26.23 6.96
N ARG B 32 -14.94 -25.33 7.94
CA ARG B 32 -16.11 -25.07 8.77
C ARG B 32 -16.84 -23.82 8.31
N GLY B 33 -16.36 -23.19 7.23
CA GLY B 33 -17.07 -22.08 6.61
C GLY B 33 -16.52 -20.69 6.88
N ALA B 34 -15.45 -20.60 7.65
CA ALA B 34 -14.77 -19.31 7.79
C ALA B 34 -14.24 -18.88 6.43
N SER B 35 -14.23 -17.58 6.17
CA SER B 35 -13.67 -17.08 4.91
C SER B 35 -12.20 -16.76 5.10
N LEU B 36 -11.35 -17.39 4.30
CA LEU B 36 -9.91 -17.21 4.42
C LEU B 36 -9.36 -16.18 3.47
N VAL B 37 -8.54 -15.29 4.01
CA VAL B 37 -7.74 -14.40 3.21
C VAL B 37 -6.28 -14.57 3.61
N ASP B 38 -5.53 -15.29 2.78
CA ASP B 38 -4.15 -15.62 3.03
C ASP B 38 -3.21 -14.61 2.41
N THR B 39 -2.61 -13.78 3.26
CA THR B 39 -1.78 -12.71 2.77
C THR B 39 -0.51 -13.22 2.11
N ASP B 40 -0.07 -14.42 2.44
CA ASP B 40 1.04 -15.05 1.72
C ASP B 40 0.65 -15.45 0.31
N LEU B 41 -0.54 -16.01 0.10
CA LEU B 41 -0.95 -16.29 -1.30
C LEU B 41 -0.98 -15.00 -2.14
N ILE B 42 -1.48 -13.92 -1.55
CA ILE B 42 -1.54 -12.65 -2.20
C ILE B 42 -0.11 -12.18 -2.50
N ALA B 43 0.79 -12.28 -1.53
CA ALA B 43 2.18 -11.85 -1.73
C ALA B 43 2.82 -12.57 -2.90
N HIS B 44 2.46 -13.84 -3.10
CA HIS B 44 2.98 -14.61 -4.24
C HIS B 44 2.35 -14.21 -5.55
N ARG B 45 1.04 -14.00 -5.55
CA ARG B 45 0.41 -13.68 -6.80
C ARG B 45 0.84 -12.28 -7.24
N ILE B 46 0.90 -11.29 -6.35
CA ILE B 46 1.29 -9.96 -6.81
C ILE B 46 2.73 -9.90 -7.32
N THR B 47 3.53 -10.95 -7.07
CA THR B 47 4.90 -11.04 -7.60
C THR B 47 5.09 -12.20 -8.56
N ALA B 48 4.00 -12.70 -9.10
CA ALA B 48 4.09 -13.73 -10.10
C ALA B 48 4.12 -13.04 -11.48
N PRO B 49 4.26 -13.81 -12.57
CA PRO B 49 4.09 -13.18 -13.89
C PRO B 49 2.75 -12.42 -13.96
N ALA B 50 2.82 -11.19 -14.47
CA ALA B 50 1.64 -10.32 -14.59
C ALA B 50 1.16 -9.78 -13.25
N GLY B 51 1.96 -9.98 -12.19
CA GLY B 51 1.57 -9.52 -10.85
C GLY B 51 1.56 -8.00 -10.70
N LEU B 52 0.60 -7.53 -9.90
CA LEU B 52 0.40 -6.12 -9.59
C LEU B 52 1.62 -5.38 -9.03
N ALA B 53 2.59 -6.10 -8.49
CA ALA B 53 3.77 -5.51 -7.85
C ALA B 53 4.99 -5.43 -8.77
N MET B 54 4.94 -6.10 -9.89
CA MET B 54 6.15 -6.22 -10.74
C MET B 54 6.64 -4.94 -11.40
N PRO B 55 5.72 -4.10 -11.90
CA PRO B 55 6.21 -2.83 -12.47
C PRO B 55 7.05 -2.07 -11.45
N ALA B 56 6.53 -1.93 -10.24
CA ALA B 56 7.24 -1.21 -9.21
C ALA B 56 8.58 -1.89 -8.89
N ILE B 57 8.63 -3.22 -8.95
CA ILE B 57 9.84 -3.95 -8.57
C ILE B 57 10.92 -3.85 -9.62
N GLU B 58 10.53 -3.93 -10.88
CA GLU B 58 11.46 -3.70 -11.95
C GLU B 58 12.00 -2.26 -11.86
N GLN B 59 11.10 -1.30 -11.77
CA GLN B 59 11.51 0.08 -11.64
C GLN B 59 12.51 0.27 -10.49
N THR B 60 12.16 -0.23 -9.32
CA THR B 60 12.98 0.04 -8.13
C THR B 60 14.25 -0.80 -8.04
N PHE B 61 14.25 -2.01 -8.59
CA PHE B 61 15.38 -2.91 -8.44
C PHE B 61 16.10 -3.21 -9.75
N GLY B 62 15.43 -3.03 -10.89
CA GLY B 62 16.00 -3.31 -12.22
C GLY B 62 15.62 -4.68 -12.77
N PRO B 63 15.69 -4.85 -14.11
CA PRO B 63 15.42 -6.13 -14.81
C PRO B 63 16.28 -7.31 -14.36
N ALA B 64 17.37 -7.03 -13.66
CA ALA B 64 18.15 -8.06 -13.01
C ALA B 64 17.28 -9.00 -12.17
N PHE B 65 16.26 -8.47 -11.50
CA PHE B 65 15.43 -9.23 -10.56
C PHE B 65 14.08 -9.67 -11.12
N VAL B 66 13.91 -9.51 -12.42
CA VAL B 66 12.74 -9.97 -13.12
C VAL B 66 13.23 -11.11 -13.93
N ALA B 67 12.66 -12.29 -13.69
CA ALA B 67 13.03 -13.49 -14.42
C ALA B 67 12.44 -13.43 -15.84
N ALA B 68 12.81 -14.40 -16.67
CA ALA B 68 12.42 -14.41 -18.10
C ALA B 68 10.90 -14.67 -18.34
N ASP B 69 10.19 -15.13 -17.32
CA ASP B 69 8.76 -15.33 -17.44
C ASP B 69 7.96 -14.13 -16.96
N GLY B 70 8.65 -13.07 -16.54
CA GLY B 70 7.99 -11.87 -16.03
C GLY B 70 7.87 -11.77 -14.49
N SER B 71 7.96 -12.90 -13.79
CA SER B 71 7.82 -12.92 -12.35
C SER B 71 9.06 -12.38 -11.66
N LEU B 72 8.96 -12.28 -10.35
CA LEU B 72 10.11 -12.01 -9.55
C LEU B 72 11.11 -13.19 -9.58
N ASP B 73 12.39 -12.87 -9.78
CA ASP B 73 13.47 -13.82 -9.51
C ASP B 73 13.58 -13.98 -8.01
N ARG B 74 12.77 -14.88 -7.44
CA ARG B 74 12.65 -15.04 -5.97
C ARG B 74 13.98 -15.39 -5.31
N ALA B 75 14.84 -16.09 -6.08
CA ALA B 75 16.17 -16.48 -5.61
C ALA B 75 17.06 -15.25 -5.38
N ARG B 76 17.40 -14.56 -6.46
CA ARG B 76 18.26 -13.38 -6.42
C ARG B 76 17.80 -12.38 -5.33
N MET B 77 16.49 -12.17 -5.26
CA MET B 77 15.89 -11.29 -4.27
C MET B 77 16.06 -11.89 -2.88
N ARG B 78 15.71 -13.19 -2.74
CA ARG B 78 15.84 -13.91 -1.46
C ARG B 78 17.18 -13.57 -0.81
N ALA B 79 18.23 -13.57 -1.63
CA ALA B 79 19.58 -13.23 -1.19
C ALA B 79 19.70 -11.75 -0.82
N LEU B 80 19.40 -10.88 -1.77
CA LEU B 80 19.66 -9.44 -1.61
C LEU B 80 18.98 -8.81 -0.38
N ILE B 81 17.77 -9.23 -0.03
CA ILE B 81 17.06 -8.65 1.13
C ILE B 81 17.58 -9.19 2.47
N PHE B 82 18.18 -10.40 2.44
CA PHE B 82 18.94 -10.92 3.57
C PHE B 82 20.25 -10.13 3.70
N SER B 83 20.97 -10.01 2.59
CA SER B 83 22.22 -9.22 2.53
C SER B 83 22.08 -7.75 2.93
N ASP B 84 21.02 -7.09 2.47
CA ASP B 84 20.89 -5.63 2.58
C ASP B 84 19.51 -5.23 3.12
N GLU B 85 19.43 -5.00 4.42
CA GLU B 85 18.14 -4.67 5.05
C GLU B 85 17.67 -3.24 4.76
N ASP B 86 18.40 -2.53 3.87
CA ASP B 86 17.87 -1.32 3.24
C ASP B 86 17.02 -1.75 2.04
N ALA B 87 17.40 -2.88 1.45
CA ALA B 87 16.63 -3.47 0.35
C ALA B 87 15.37 -4.17 0.84
N ARG B 88 15.46 -4.91 1.95
CA ARG B 88 14.27 -5.50 2.57
C ARG B 88 13.18 -4.44 2.67
N ARG B 89 13.47 -3.34 3.36
CA ARG B 89 12.51 -2.24 3.55
C ARG B 89 12.04 -1.65 2.21
N ARG B 90 12.92 -1.61 1.21
CA ARG B 90 12.54 -1.08 -0.12
C ARG B 90 11.54 -1.99 -0.84
N LEU B 91 11.72 -3.30 -0.75
CA LEU B 91 10.76 -4.24 -1.31
C LEU B 91 9.45 -4.30 -0.55
N GLU B 92 9.54 -4.35 0.76
CA GLU B 92 8.35 -4.47 1.58
C GLU B 92 7.47 -3.24 1.45
N ALA B 93 8.11 -2.10 1.23
CA ALA B 93 7.39 -0.85 0.98
C ALA B 93 6.59 -0.87 -0.33
N ILE B 94 6.98 -1.75 -1.25
CA ILE B 94 6.15 -1.96 -2.43
C ILE B 94 5.08 -3.00 -2.16
N THR B 95 5.46 -4.11 -1.55
CA THR B 95 4.56 -5.25 -1.46
C THR B 95 3.51 -5.06 -0.38
N HIS B 96 3.88 -4.50 0.77
CA HIS B 96 2.96 -4.50 1.93
C HIS B 96 1.68 -3.71 1.67
N PRO B 97 1.81 -2.49 1.16
CA PRO B 97 0.60 -1.74 0.81
C PRO B 97 -0.27 -2.49 -0.21
N LEU B 98 0.33 -3.14 -1.20
CA LEU B 98 -0.49 -3.90 -2.16
C LEU B 98 -1.19 -5.10 -1.52
N ILE B 99 -0.48 -5.76 -0.61
CA ILE B 99 -1.03 -6.91 0.08
C ILE B 99 -2.20 -6.45 0.96
N ARG B 100 -1.94 -5.42 1.74
CA ARG B 100 -2.96 -4.69 2.46
C ARG B 100 -4.18 -4.43 1.59
N ALA B 101 -3.96 -3.88 0.40
CA ALA B 101 -5.09 -3.52 -0.43
C ALA B 101 -5.88 -4.73 -0.91
N GLU B 102 -5.18 -5.72 -1.47
CA GLU B 102 -5.85 -6.94 -1.96
C GLU B 102 -6.62 -7.66 -0.82
N THR B 103 -6.15 -7.47 0.40
CA THR B 103 -6.79 -8.05 1.53
C THR B 103 -8.17 -7.43 1.77
N GLU B 104 -8.23 -6.11 1.81
CA GLU B 104 -9.52 -5.43 1.96
C GLU B 104 -10.49 -5.83 0.86
N ARG B 105 -9.95 -5.98 -0.35
CA ARG B 105 -10.76 -6.29 -1.51
C ARG B 105 -11.31 -7.72 -1.47
N GLU B 106 -10.52 -8.67 -0.98
CA GLU B 106 -10.99 -10.05 -0.84
C GLU B 106 -11.95 -10.15 0.32
N ALA B 107 -11.71 -9.33 1.33
CA ALA B 107 -12.54 -9.33 2.53
C ALA B 107 -13.92 -8.75 2.24
N ARG B 108 -13.94 -7.68 1.45
CA ARG B 108 -15.19 -7.10 1.02
C ARG B 108 -16.07 -8.14 0.32
N ASP B 109 -15.47 -8.98 -0.52
CA ASP B 109 -16.23 -9.96 -1.29
C ASP B 109 -16.50 -11.29 -0.56
N ALA B 110 -15.95 -11.47 0.63
CA ALA B 110 -16.05 -12.77 1.33
C ALA B 110 -17.47 -13.09 1.80
N GLN B 111 -17.88 -14.35 1.61
CA GLN B 111 -19.27 -14.75 1.81
C GLN B 111 -19.57 -15.40 3.17
N GLY B 112 -18.53 -15.74 3.94
CA GLY B 112 -18.69 -16.49 5.20
C GLY B 112 -19.11 -15.60 6.37
N PRO B 113 -19.38 -16.21 7.54
CA PRO B 113 -19.87 -15.44 8.70
C PRO B 113 -18.80 -14.59 9.36
N TYR B 114 -17.53 -14.93 9.15
CA TYR B 114 -16.46 -14.06 9.57
C TYR B 114 -15.29 -14.34 8.68
N VAL B 115 -14.26 -13.53 8.83
CA VAL B 115 -13.10 -13.66 7.98
C VAL B 115 -11.91 -13.93 8.84
N ILE B 116 -10.99 -14.72 8.28
CA ILE B 116 -9.71 -14.90 8.90
C ILE B 116 -8.63 -14.40 7.95
N PHE B 117 -7.82 -13.48 8.46
CA PHE B 117 -6.69 -12.97 7.71
C PHE B 117 -5.47 -13.73 8.19
N VAL B 118 -4.81 -14.47 7.31
CA VAL B 118 -3.61 -15.16 7.69
C VAL B 118 -2.44 -14.26 7.44
N VAL B 119 -1.78 -13.83 8.52
CA VAL B 119 -0.80 -12.76 8.44
C VAL B 119 0.42 -13.14 9.23
N PRO B 120 1.48 -13.57 8.53
CA PRO B 120 2.68 -14.01 9.23
C PRO B 120 3.25 -12.98 10.20
N LEU B 121 3.33 -11.72 9.77
CA LEU B 121 3.95 -10.70 10.61
C LEU B 121 2.92 -9.82 11.29
N LEU B 122 1.90 -10.47 11.84
CA LEU B 122 0.81 -9.74 12.41
C LEU B 122 1.21 -8.87 13.59
N VAL B 123 1.74 -9.44 14.66
CA VAL B 123 1.90 -8.64 15.89
C VAL B 123 3.10 -7.71 15.75
N GLU B 124 3.99 -8.02 14.81
CA GLU B 124 5.10 -7.15 14.47
C GLU B 124 4.62 -5.80 13.95
N SER B 125 3.42 -5.77 13.37
CA SER B 125 2.83 -4.58 12.76
C SER B 125 1.72 -3.92 13.59
N ARG B 126 1.78 -2.60 13.73
CA ARG B 126 0.75 -1.84 14.48
C ARG B 126 -0.62 -1.87 13.77
N ASN B 127 -0.58 -1.74 12.44
CA ASN B 127 -1.79 -1.68 11.63
C ASN B 127 -2.65 -2.93 11.66
N TRP B 128 -2.04 -4.11 11.56
CA TRP B 128 -2.81 -5.36 11.62
C TRP B 128 -3.53 -5.62 12.96
N LYS B 129 -2.91 -5.36 14.12
CA LYS B 129 -3.63 -5.60 15.39
C LYS B 129 -4.92 -4.78 15.41
N ALA B 130 -4.83 -3.51 14.97
CA ALA B 130 -6.02 -2.61 14.95
C ALA B 130 -7.08 -3.02 13.94
N ARG B 131 -6.64 -3.68 12.87
CA ARG B 131 -7.54 -4.10 11.82
C ARG B 131 -8.40 -5.31 12.19
N CYS B 132 -7.96 -6.08 13.18
CA CYS B 132 -8.62 -7.32 13.54
C CYS B 132 -9.44 -7.16 14.82
N ASP B 133 -10.59 -7.82 14.89
CA ASP B 133 -11.32 -7.93 16.13
C ASP B 133 -10.59 -8.80 17.18
N ARG B 134 -9.97 -9.90 16.73
CA ARG B 134 -9.23 -10.82 17.60
C ARG B 134 -7.96 -11.30 16.92
N VAL B 135 -6.97 -11.61 17.74
CA VAL B 135 -5.80 -12.29 17.27
C VAL B 135 -5.76 -13.74 17.77
N LEU B 136 -5.60 -14.65 16.82
CA LEU B 136 -5.35 -16.08 17.07
C LEU B 136 -3.90 -16.40 16.75
N VAL B 137 -3.15 -16.81 17.74
CA VAL B 137 -1.77 -17.24 17.53
C VAL B 137 -1.65 -18.76 17.49
N VAL B 138 -1.07 -19.29 16.43
CA VAL B 138 -0.73 -20.71 16.39
C VAL B 138 0.70 -20.82 16.89
N ASP B 139 0.87 -21.43 18.03
CA ASP B 139 2.16 -21.44 18.70
C ASP B 139 2.82 -22.81 18.58
N CYS B 140 4.15 -22.82 18.59
CA CYS B 140 4.91 -24.04 18.80
C CYS B 140 6.36 -23.73 19.07
N PRO B 141 7.11 -24.70 19.61
CA PRO B 141 8.49 -24.43 19.95
C PRO B 141 9.33 -24.18 18.71
N VAL B 142 10.31 -23.30 18.89
CA VAL B 142 11.20 -22.85 17.86
C VAL B 142 11.95 -24.02 17.14
N ASP B 143 12.32 -25.06 17.87
CA ASP B 143 13.00 -26.21 17.28
C ASP B 143 12.08 -27.03 16.40
N THR B 144 10.79 -27.08 16.76
CA THR B 144 9.80 -27.71 15.91
C THR B 144 9.58 -26.87 14.68
N GLN B 145 9.61 -25.54 14.81
CA GLN B 145 9.52 -24.72 13.58
C GLN B 145 10.65 -25.07 12.63
N ILE B 146 11.85 -25.17 13.19
CA ILE B 146 13.03 -25.40 12.40
C ILE B 146 12.97 -26.76 11.68
N ALA B 147 12.68 -27.81 12.43
CA ALA B 147 12.57 -29.12 11.83
C ALA B 147 11.52 -29.15 10.70
N ARG B 148 10.36 -28.53 10.94
CA ARG B 148 9.30 -28.57 9.96
C ARG B 148 9.66 -27.83 8.72
N VAL B 149 10.33 -26.70 8.87
CA VAL B 149 10.66 -25.85 7.70
C VAL B 149 11.86 -26.42 6.91
N MET B 150 12.78 -27.07 7.59
CA MET B 150 13.83 -27.80 6.90
C MET B 150 13.22 -28.91 6.05
N GLN B 151 12.33 -29.67 6.65
CA GLN B 151 11.62 -30.74 5.96
C GLN B 151 10.77 -30.25 4.79
N ARG B 152 9.97 -29.22 5.00
CA ARG B 152 9.02 -28.77 3.98
C ARG B 152 9.72 -28.05 2.82
N ASN B 153 10.67 -27.17 3.13
CA ASN B 153 11.23 -26.28 2.10
C ASN B 153 12.68 -26.59 1.73
N GLY B 154 13.33 -27.49 2.45
CA GLY B 154 14.68 -27.92 2.11
C GLY B 154 15.80 -27.03 2.62
N PHE B 155 15.46 -25.98 3.38
CA PHE B 155 16.43 -25.04 3.94
C PHE B 155 17.34 -25.72 4.95
N THR B 156 18.39 -25.01 5.35
CA THR B 156 19.23 -25.42 6.50
C THR B 156 18.77 -24.71 7.76
N ARG B 157 19.21 -25.19 8.92
CA ARG B 157 18.94 -24.47 10.17
C ARG B 157 19.20 -22.99 9.97
N GLU B 158 20.40 -22.67 9.49
CA GLU B 158 20.84 -21.28 9.45
C GLU B 158 19.81 -20.44 8.71
N GLN B 159 19.32 -20.97 7.60
CA GLN B 159 18.34 -20.24 6.83
C GLN B 159 17.04 -20.00 7.58
N VAL B 160 16.56 -21.01 8.30
CA VAL B 160 15.32 -20.90 9.03
C VAL B 160 15.55 -19.98 10.21
N GLU B 161 16.64 -20.21 10.94
CA GLU B 161 17.03 -19.38 12.09
C GLU B 161 17.11 -17.90 11.75
N ALA B 162 17.40 -17.62 10.49
CA ALA B 162 17.51 -16.26 10.00
C ALA B 162 16.15 -15.62 9.82
N ILE B 163 15.17 -16.41 9.37
CA ILE B 163 13.80 -15.91 9.25
C ILE B 163 13.23 -15.77 10.66
N ILE B 164 13.42 -16.80 11.47
CA ILE B 164 12.91 -16.76 12.84
C ILE B 164 13.40 -15.52 13.58
N ALA B 165 14.64 -15.10 13.30
CA ALA B 165 15.21 -13.94 13.99
C ALA B 165 14.57 -12.62 13.51
N ARG B 166 14.02 -12.63 12.29
CA ARG B 166 13.36 -11.46 11.72
C ARG B 166 11.89 -11.40 12.17
N GLN B 167 11.44 -12.40 12.94
CA GLN B 167 10.08 -12.47 13.46
C GLN B 167 10.03 -12.28 14.95
N ALA B 168 8.85 -11.96 15.46
CA ALA B 168 8.64 -11.80 16.89
C ALA B 168 8.95 -13.08 17.64
N THR B 169 9.33 -12.94 18.90
CA THR B 169 9.56 -14.10 19.74
C THR B 169 8.23 -14.79 20.06
N ARG B 170 8.28 -16.03 20.52
CA ARG B 170 7.06 -16.72 20.97
C ARG B 170 6.39 -15.91 22.06
N GLU B 171 7.20 -15.44 22.99
CA GLU B 171 6.69 -14.78 24.16
C GLU B 171 5.89 -13.53 23.74
N ALA B 172 6.43 -12.77 22.80
CA ALA B 172 5.76 -11.57 22.36
C ALA B 172 4.45 -11.94 21.68
N ARG B 173 4.50 -12.95 20.80
CA ARG B 173 3.28 -13.43 20.13
C ARG B 173 2.21 -13.86 21.15
N LEU B 174 2.60 -14.69 22.11
CA LEU B 174 1.66 -15.19 23.08
C LEU B 174 1.07 -14.05 23.92
N ALA B 175 1.86 -13.03 24.18
CA ALA B 175 1.42 -11.88 24.96
C ALA B 175 0.32 -11.07 24.25
N ALA B 176 0.38 -11.02 22.94
CA ALA B 176 -0.53 -10.22 22.12
C ALA B 176 -1.73 -11.05 21.66
N ALA B 177 -1.84 -12.31 22.10
CA ALA B 177 -2.90 -13.16 21.61
C ALA B 177 -4.19 -12.89 22.35
N ASP B 178 -5.31 -13.09 21.65
CA ASP B 178 -6.59 -13.31 22.34
C ASP B 178 -6.86 -14.79 22.45
N ASP B 179 -6.54 -15.52 21.39
CA ASP B 179 -6.66 -16.97 21.33
C ASP B 179 -5.34 -17.67 20.94
N VAL B 180 -5.14 -18.90 21.45
CA VAL B 180 -3.92 -19.63 21.21
C VAL B 180 -4.21 -21.08 20.89
N ILE B 181 -3.55 -21.58 19.87
CA ILE B 181 -3.52 -23.01 19.63
C ILE B 181 -2.06 -23.43 19.56
N VAL B 182 -1.69 -24.22 20.53
CA VAL B 182 -0.38 -24.79 20.57
C VAL B 182 -0.40 -25.97 19.61
N ASN B 183 0.37 -25.87 18.55
CA ASN B 183 0.45 -26.95 17.56
C ASN B 183 1.81 -27.63 17.66
N ASP B 184 1.98 -28.50 18.64
CA ASP B 184 3.22 -29.22 18.89
C ASP B 184 2.99 -30.77 19.06
N ALA B 185 1.81 -31.30 18.77
CA ALA B 185 1.60 -32.74 18.86
C ALA B 185 2.33 -33.32 17.67
N ALA B 186 2.65 -34.61 17.77
CA ALA B 186 3.26 -35.34 16.63
C ALA B 186 2.37 -35.23 15.37
N THR B 187 1.08 -34.98 15.62
CA THR B 187 0.04 -35.10 14.63
C THR B 187 -0.95 -33.93 14.80
N PRO B 188 -1.57 -33.51 13.66
CA PRO B 188 -2.58 -32.45 13.62
C PRO B 188 -4.05 -32.89 13.83
N ASP B 189 -4.30 -34.17 14.06
CA ASP B 189 -5.67 -34.68 14.23
C ASP B 189 -6.44 -34.05 15.42
N ALA B 190 -5.73 -33.72 16.49
CA ALA B 190 -6.33 -33.15 17.70
C ALA B 190 -6.59 -31.65 17.64
N LEU B 191 -6.02 -30.97 16.63
CA LEU B 191 -6.30 -29.57 16.38
C LEU B 191 -7.77 -29.31 16.13
N ALA B 192 -8.46 -30.26 15.48
CA ALA B 192 -9.84 -30.04 15.09
C ALA B 192 -10.72 -29.74 16.31
N VAL B 193 -10.46 -30.43 17.40
CA VAL B 193 -11.23 -30.20 18.62
C VAL B 193 -11.10 -28.75 19.00
N GLN B 194 -9.88 -28.22 18.93
CA GLN B 194 -9.68 -26.84 19.32
C GLN B 194 -10.30 -25.90 18.33
N VAL B 195 -10.25 -26.25 17.06
CA VAL B 195 -10.84 -25.36 16.05
C VAL B 195 -12.36 -25.38 16.13
N ASP B 196 -12.94 -26.53 16.43
CA ASP B 196 -14.39 -26.59 16.59
C ASP B 196 -14.85 -25.56 17.61
N ALA B 197 -14.23 -25.56 18.78
CA ALA B 197 -14.65 -24.67 19.85
C ALA B 197 -14.41 -23.21 19.51
N LEU B 198 -13.29 -22.93 18.86
CA LEU B 198 -13.03 -21.54 18.49
C LEU B 198 -14.01 -21.08 17.43
N HIS B 199 -14.28 -21.93 16.44
CA HIS B 199 -15.26 -21.60 15.43
C HIS B 199 -16.55 -21.14 16.12
N GLN B 200 -17.00 -21.88 17.12
CA GLN B 200 -18.28 -21.58 17.71
C GLN B 200 -18.20 -20.23 18.36
N ARG B 201 -17.14 -20.01 19.12
CA ARG B 201 -17.01 -18.77 19.86
C ARG B 201 -16.96 -17.59 18.88
N TYR B 202 -16.34 -17.83 17.72
CA TYR B 202 -16.23 -16.82 16.67
C TYR B 202 -17.59 -16.47 16.07
N LEU B 203 -18.45 -17.47 15.88
CA LEU B 203 -19.81 -17.22 15.37
C LEU B 203 -20.55 -16.33 16.33
N ALA B 204 -20.39 -16.59 17.61
CA ALA B 204 -21.04 -15.79 18.65
C ALA B 204 -20.49 -14.39 18.68
N PHE B 205 -19.17 -14.27 18.54
CA PHE B 205 -18.58 -12.95 18.57
C PHE B 205 -19.15 -12.13 17.43
N ALA B 206 -19.12 -12.71 16.23
CA ALA B 206 -19.56 -12.02 15.00
C ALA B 206 -21.03 -11.61 15.08
N ALA B 207 -21.88 -12.58 15.39
CA ALA B 207 -23.31 -12.35 15.64
C ALA B 207 -23.58 -11.16 16.56
N ALA B 208 -22.71 -10.95 17.54
CA ALA B 208 -22.89 -9.86 18.51
C ALA B 208 -22.35 -8.50 18.04
N LYS B 209 -21.95 -8.40 16.78
CA LYS B 209 -21.27 -7.19 16.26
C LYS B 209 -21.56 -6.98 14.77
PB ADP C . -2.59 22.59 -8.68
O1B ADP C . -3.29 21.43 -9.36
O2B ADP C . -1.16 22.31 -8.33
O3B ADP C . -3.34 23.27 -7.56
PA ADP C . -3.82 24.09 -10.75
O1A ADP C . -3.33 24.02 -12.18
O2A ADP C . -5.06 23.33 -10.39
O3A ADP C . -2.60 23.79 -9.74
O5' ADP C . -4.21 25.50 -10.08
C5' ADP C . -3.70 26.81 -10.18
C4' ADP C . -4.91 27.71 -10.22
O4' ADP C . -4.55 28.90 -10.94
C3' ADP C . -6.03 27.13 -11.05
O3' ADP C . -7.24 27.80 -10.76
C2' ADP C . -5.68 27.49 -12.48
O2' ADP C . -6.86 27.68 -13.25
C1' ADP C . -4.95 28.81 -12.32
N9 ADP C . -3.72 28.87 -13.12
C8 ADP C . -2.77 27.91 -13.27
N7 ADP C . -1.76 28.34 -14.06
C5 ADP C . -2.08 29.59 -14.40
C6 ADP C . -1.46 30.62 -15.24
N6 ADP C . -0.28 30.37 -15.84
N1 ADP C . -2.11 31.79 -15.34
C2 ADP C . -3.31 32.04 -14.74
N3 ADP C . -3.93 31.13 -13.99
C4 ADP C . -3.36 29.93 -13.79
PB ADP D . 3.00 -22.21 8.50
O1B ADP D . 1.90 -22.01 7.49
O2B ADP D . 2.82 -21.49 9.80
O3B ADP D . 4.43 -22.01 8.07
PA ADP D . 2.33 -24.94 8.01
O1A ADP D . 1.09 -25.64 8.50
O2A ADP D . 2.40 -24.57 6.59
O3A ADP D . 2.80 -23.73 8.97
O5' ADP D . 3.65 -25.79 8.23
C5' ADP D . 3.98 -26.75 9.19
C4' ADP D . 4.66 -27.88 8.42
O4' ADP D . 4.72 -29.04 9.25
C3' ADP D . 3.85 -28.34 7.20
O3' ADP D . 4.64 -29.12 6.29
C2' ADP D . 2.80 -29.20 7.84
O2' ADP D . 2.36 -30.26 7.03
C1' ADP D . 3.52 -29.81 9.03
N9 ADP D . 2.72 -29.79 10.26
C8 ADP D . 1.92 -28.83 10.75
N7 ADP D . 1.39 -29.21 11.95
C5 ADP D . 1.84 -30.41 12.21
C6 ADP D . 1.67 -31.35 13.30
N6 ADP D . 0.88 -31.02 14.31
N1 ADP D . 2.34 -32.52 13.23
C2 ADP D . 3.13 -32.80 12.19
N3 ADP D . 3.34 -31.97 11.15
C4 ADP D . 2.72 -30.79 11.11
#